data_3LMB
#
_entry.id   3LMB
#
_cell.length_a   58.090
_cell.length_b   72.962
_cell.length_c   79.755
_cell.angle_alpha   90.00
_cell.angle_beta   90.00
_cell.angle_gamma   90.00
#
_symmetry.space_group_name_H-M   'P 21 21 21'
#
loop_
_entity.id
_entity.type
_entity.pdbx_description
1 polymer 'Uncharacterized protein'
2 water water
#
_entity_poly.entity_id   1
_entity_poly.type   'polypeptide(L)'
_entity_poly.pdbx_seq_one_letter_code
;(MSE)NASLTPDQVSKKLKQFFSDHLPISQF(MSE)GLEIESYDGDTLILTAPLEPNINDKQTAFGGSLYNAAV(MSE)A
CWG(MSE)VYLKTQEENIACNQVVTEGN(MSE)KYIAPVYGRIRAICHAPDEEELANFFDHFERKGKARISLEAAIYNDA
CV(MSE)KIEPETKPSVKFNGQYAILKNQ
;
_entity_poly.pdbx_strand_id   A,B
#
# COMPACT_ATOMS: atom_id res chain seq x y z
N ASN A 2 11.94 -33.26 -2.26
CA ASN A 2 12.79 -32.87 -1.11
C ASN A 2 11.95 -33.02 0.16
N ALA A 3 12.62 -33.04 1.31
CA ALA A 3 11.95 -32.96 2.60
C ALA A 3 11.42 -31.54 2.84
N SER A 4 10.44 -31.35 3.71
CA SER A 4 10.04 -29.97 3.92
C SER A 4 11.21 -29.17 4.51
N LEU A 5 11.19 -27.87 4.22
CA LEU A 5 12.25 -26.97 4.64
C LEU A 5 11.95 -26.46 6.04
N THR A 6 12.98 -26.32 6.88
CA THR A 6 12.84 -25.73 8.22
C THR A 6 12.71 -24.20 8.12
N PRO A 7 12.30 -23.53 9.22
CA PRO A 7 12.08 -22.04 9.23
C PRO A 7 13.33 -21.23 8.80
N ASP A 8 14.49 -21.64 9.26
CA ASP A 8 15.78 -21.08 8.80
C ASP A 8 16.03 -21.21 7.32
N GLN A 9 15.85 -22.41 6.80
CA GLN A 9 16.05 -22.63 5.35
C GLN A 9 15.11 -21.81 4.53
N VAL A 10 13.84 -21.74 4.88
CA VAL A 10 12.97 -21.00 3.99
C VAL A 10 13.09 -19.48 4.12
N SER A 11 13.37 -19.03 5.32
CA SER A 11 13.62 -17.64 5.62
C SER A 11 14.74 -17.13 4.68
N LYS A 12 15.77 -17.95 4.47
CA LYS A 12 16.82 -17.55 3.50
C LYS A 12 16.30 -17.37 2.11
N LYS A 13 15.39 -18.26 1.71
CA LYS A 13 14.80 -18.17 0.40
C LYS A 13 14.04 -16.86 0.23
N LEU A 14 13.32 -16.43 1.26
CA LEU A 14 12.53 -15.21 1.10
C LEU A 14 13.50 -14.00 1.11
N LYS A 15 14.55 -14.05 1.93
CA LYS A 15 15.56 -13.02 1.90
C LYS A 15 16.11 -12.85 0.48
N GLN A 16 16.57 -13.95 -0.11
CA GLN A 16 17.02 -13.95 -1.48
C GLN A 16 15.99 -13.44 -2.47
N PHE A 17 14.75 -13.88 -2.35
CA PHE A 17 13.67 -13.39 -3.18
C PHE A 17 13.50 -11.82 -3.16
N PHE A 18 13.46 -11.21 -1.98
CA PHE A 18 13.20 -9.76 -1.92
C PHE A 18 14.33 -9.08 -2.68
N SER A 19 15.54 -9.55 -2.38
CA SER A 19 16.75 -9.04 -2.98
C SER A 19 16.80 -9.19 -4.52
N ASP A 20 16.49 -10.37 -5.02
CA ASP A 20 16.54 -10.64 -6.47
C ASP A 20 15.42 -9.91 -7.18
N HIS A 21 14.25 -9.79 -6.53
CA HIS A 21 13.06 -9.44 -7.28
C HIS A 21 12.31 -8.15 -6.94
N LEU A 22 12.51 -7.55 -5.78
CA LEU A 22 11.59 -6.44 -5.39
C LEU A 22 12.44 -5.24 -5.10
N PRO A 23 12.83 -4.45 -6.12
CA PRO A 23 13.75 -3.33 -5.85
C PRO A 23 13.25 -2.41 -4.71
N ILE A 24 11.93 -2.28 -4.57
CA ILE A 24 11.32 -1.40 -3.54
C ILE A 24 11.78 -1.87 -2.13
N SER A 25 12.05 -3.18 -1.97
CA SER A 25 12.43 -3.68 -0.64
C SER A 25 13.83 -3.26 -0.29
N GLN A 26 14.67 -3.13 -1.29
CA GLN A 26 16.04 -2.68 -1.05
C GLN A 26 16.02 -1.17 -0.76
N PHE A 27 15.30 -0.36 -1.55
CA PHE A 27 15.09 1.04 -1.18
C PHE A 27 14.59 1.24 0.30
N GLY A 29 14.94 -0.63 2.82
CA GLY A 29 15.74 -1.30 3.87
C GLY A 29 14.96 -2.41 4.55
N LEU A 30 14.02 -3.02 3.81
CA LEU A 30 13.15 -4.03 4.41
C LEU A 30 13.92 -5.35 4.66
N GLU A 31 13.81 -5.92 5.87
CA GLU A 31 14.60 -7.09 6.24
C GLU A 31 13.70 -8.03 6.97
N ILE A 32 14.03 -9.31 6.91
CA ILE A 32 13.33 -10.26 7.82
C ILE A 32 13.97 -10.18 9.21
N GLU A 33 13.23 -9.76 10.24
CA GLU A 33 13.75 -9.77 11.58
C GLU A 33 13.75 -11.20 12.15
N SER A 34 12.66 -11.94 11.99
CA SER A 34 12.66 -13.34 12.45
C SER A 34 11.55 -14.11 11.78
N TYR A 35 11.72 -15.43 11.75
CA TYR A 35 10.65 -16.31 11.27
C TYR A 35 10.87 -17.59 12.01
N ASP A 36 9.87 -18.09 12.73
CA ASP A 36 10.08 -19.34 13.48
C ASP A 36 9.08 -20.37 13.00
N GLY A 37 8.43 -20.20 11.84
CA GLY A 37 7.37 -21.15 11.44
C GLY A 37 5.94 -20.71 11.75
N ASP A 38 5.76 -19.93 12.82
CA ASP A 38 4.41 -19.48 13.26
C ASP A 38 4.25 -17.97 13.07
N THR A 39 5.37 -17.24 13.11
CA THR A 39 5.34 -15.76 13.07
C THR A 39 6.47 -15.25 12.16
N LEU A 40 6.11 -14.32 11.27
CA LEU A 40 7.06 -13.64 10.45
C LEU A 40 7.08 -12.20 10.94
N ILE A 41 8.27 -11.68 11.28
CA ILE A 41 8.43 -10.24 11.55
C ILE A 41 9.33 -9.60 10.52
N LEU A 42 8.84 -8.58 9.81
CA LEU A 42 9.69 -7.79 8.92
C LEU A 42 10.00 -6.47 9.53
N THR A 43 11.19 -5.89 9.25
CA THR A 43 11.55 -4.58 9.81
C THR A 43 12.10 -3.66 8.72
N ALA A 44 11.98 -2.36 8.94
CA ALA A 44 12.58 -1.39 7.99
C ALA A 44 12.89 -0.12 8.74
N PRO A 45 14.01 0.52 8.41
CA PRO A 45 14.25 1.77 9.12
C PRO A 45 13.27 2.85 8.71
N LEU A 46 13.17 3.87 9.56
CA LEU A 46 12.27 4.99 9.32
C LEU A 46 12.70 5.90 8.15
N GLU A 47 14.02 6.16 8.03
CA GLU A 47 14.48 7.24 7.13
C GLU A 47 13.97 7.13 5.64
N PRO A 48 14.02 5.94 5.03
CA PRO A 48 13.51 5.90 3.63
C PRO A 48 11.97 5.93 3.56
N ASN A 49 11.33 5.68 4.70
CA ASN A 49 9.90 5.45 4.78
C ASN A 49 9.16 6.56 5.50
N ILE A 50 9.72 7.75 5.49
CA ILE A 50 9.28 8.84 6.34
C ILE A 50 8.33 9.72 5.53
N ASN A 51 7.55 10.54 6.26
CA ASN A 51 6.62 11.52 5.64
C ASN A 51 7.02 12.91 6.09
N ASP A 52 6.13 13.87 5.90
CA ASP A 52 6.40 15.26 6.29
C ASP A 52 6.40 15.51 7.78
N LYS A 53 5.83 14.60 8.57
CA LYS A 53 5.71 14.84 9.99
C LYS A 53 6.81 14.09 10.70
N GLN A 54 7.81 13.58 9.97
CA GLN A 54 8.84 12.76 10.62
C GLN A 54 8.31 11.43 11.21
N THR A 55 7.22 10.90 10.69
CA THR A 55 6.73 9.63 11.14
C THR A 55 6.70 8.71 9.89
N ALA A 56 6.33 7.44 10.04
CA ALA A 56 6.29 6.52 8.88
C ALA A 56 5.17 6.90 7.91
N PHE A 57 5.49 7.04 6.62
CA PHE A 57 4.51 7.32 5.59
C PHE A 57 3.50 6.13 5.47
N GLY A 58 2.20 6.41 5.31
CA GLY A 58 1.19 5.31 5.29
C GLY A 58 1.38 4.28 4.18
N GLY A 59 1.94 4.72 3.06
CA GLY A 59 2.29 3.84 1.93
C GLY A 59 3.41 2.85 2.25
N SER A 60 4.38 3.28 3.07
CA SER A 60 5.47 2.40 3.45
C SER A 60 4.95 1.42 4.48
N LEU A 61 4.06 1.90 5.36
CA LEU A 61 3.42 1.02 6.31
C LEU A 61 2.64 -0.09 5.58
N TYR A 62 1.86 0.29 4.57
CA TYR A 62 1.17 -0.68 3.74
C TYR A 62 2.16 -1.64 3.06
N ASN A 63 3.22 -1.11 2.47
CA ASN A 63 4.21 -2.05 1.85
C ASN A 63 4.75 -3.05 2.83
N ALA A 64 5.06 -2.63 4.06
CA ALA A 64 5.64 -3.59 5.01
C ALA A 64 4.60 -4.70 5.35
N ALA A 65 3.33 -4.32 5.54
CA ALA A 65 2.32 -5.29 5.97
C ALA A 65 1.96 -6.21 4.78
N VAL A 66 1.79 -5.61 3.59
CA VAL A 66 1.40 -6.40 2.39
C VAL A 66 2.50 -7.42 2.08
N ALA A 68 4.77 -8.57 4.44
CA ALA A 68 4.80 -9.50 5.53
C ALA A 68 3.79 -10.66 5.28
N CYS A 69 2.56 -10.33 4.87
CA CYS A 69 1.57 -11.40 4.58
C CYS A 69 1.93 -12.20 3.31
N TRP A 70 2.40 -11.49 2.27
CA TRP A 70 2.85 -12.14 1.00
C TRP A 70 4.03 -13.06 1.40
N GLY A 71 4.96 -12.56 2.21
CA GLY A 71 6.08 -13.35 2.74
C GLY A 71 5.66 -14.61 3.46
N VAL A 73 2.87 -16.32 3.13
CA VAL A 73 2.30 -17.25 2.14
C VAL A 73 3.43 -17.89 1.33
N TYR A 74 4.38 -17.10 0.92
CA TYR A 74 5.53 -17.62 0.19
C TYR A 74 6.26 -18.63 1.09
N LEU A 75 6.50 -18.30 2.37
CA LEU A 75 7.21 -19.23 3.30
C LEU A 75 6.49 -20.57 3.46
N LYS A 76 5.17 -20.51 3.61
CA LYS A 76 4.40 -21.79 3.76
C LYS A 76 4.44 -22.65 2.48
N THR A 77 4.31 -21.96 1.34
CA THR A 77 4.35 -22.60 0.03
C THR A 77 5.72 -23.29 -0.20
N GLN A 78 6.80 -22.56 0.06
CA GLN A 78 8.17 -23.07 -0.05
C GLN A 78 8.48 -24.15 0.90
N GLU A 79 8.03 -24.01 2.16
CA GLU A 79 8.28 -25.07 3.17
C GLU A 79 7.77 -26.36 2.64
N GLU A 80 6.72 -26.26 1.86
CA GLU A 80 6.02 -27.41 1.36
C GLU A 80 6.48 -27.83 -0.04
N ASN A 81 7.53 -27.19 -0.59
CA ASN A 81 8.06 -27.49 -1.93
C ASN A 81 7.01 -27.39 -3.02
N ILE A 82 6.15 -26.40 -2.91
CA ILE A 82 5.13 -26.12 -3.94
C ILE A 82 5.72 -25.11 -4.95
N ALA A 83 5.68 -25.44 -6.23
CA ALA A 83 6.05 -24.50 -7.29
C ALA A 83 4.77 -23.76 -7.72
N CYS A 84 4.76 -22.44 -7.58
CA CYS A 84 3.53 -21.67 -7.89
C CYS A 84 3.83 -20.21 -8.17
N ASN A 85 2.89 -19.51 -8.79
CA ASN A 85 2.92 -18.03 -8.77
C ASN A 85 2.00 -17.49 -7.68
N GLN A 86 2.42 -16.41 -7.04
CA GLN A 86 1.66 -15.89 -5.92
C GLN A 86 1.39 -14.39 -6.07
N VAL A 87 0.10 -14.00 -5.96
CA VAL A 87 -0.31 -12.58 -6.22
C VAL A 87 -1.11 -12.10 -5.01
N VAL A 88 -1.10 -10.82 -4.69
CA VAL A 88 -2.11 -10.30 -3.78
C VAL A 88 -3.37 -10.04 -4.61
N THR A 89 -4.50 -10.20 -3.98
CA THR A 89 -5.80 -10.09 -4.55
C THR A 89 -6.56 -8.95 -3.80
N GLU A 90 -6.20 -8.75 -2.55
CA GLU A 90 -6.81 -7.66 -1.77
C GLU A 90 -5.94 -7.28 -0.60
N GLY A 91 -5.86 -5.97 -0.29
CA GLY A 91 -5.09 -5.49 0.85
C GLY A 91 -5.74 -4.26 1.50
N ASN A 92 -6.22 -4.39 2.74
CA ASN A 92 -6.90 -3.32 3.42
C ASN A 92 -6.16 -2.88 4.69
N LYS A 94 -6.06 -0.02 8.03
CA LYS A 94 -6.68 1.00 8.91
C LYS A 94 -5.48 1.64 9.64
N TYR A 95 -5.36 2.99 9.60
CA TYR A 95 -4.27 3.69 10.28
C TYR A 95 -4.78 4.21 11.62
N ILE A 96 -4.26 3.73 12.70
CA ILE A 96 -4.81 4.02 13.99
C ILE A 96 -3.93 5.05 14.64
N ALA A 97 -2.60 4.90 14.57
CA ALA A 97 -1.71 5.88 15.21
C ALA A 97 -0.40 5.97 14.43
N PRO A 98 0.36 7.08 14.59
CA PRO A 98 1.65 7.22 13.91
C PRO A 98 2.67 6.12 14.30
N VAL A 99 3.56 5.81 13.37
CA VAL A 99 4.71 4.98 13.72
C VAL A 99 5.90 5.94 13.74
N TYR A 100 6.61 5.95 14.88
CA TYR A 100 7.55 7.02 15.14
C TYR A 100 9.03 6.66 14.90
N GLY A 101 9.34 5.38 14.75
CA GLY A 101 10.73 5.01 14.47
C GLY A 101 10.71 3.80 13.56
N ARG A 102 11.51 2.80 13.93
CA ARG A 102 11.62 1.58 13.16
C ARG A 102 10.27 0.88 12.97
N ILE A 103 10.04 0.41 11.77
CA ILE A 103 8.79 -0.21 11.39
C ILE A 103 8.93 -1.73 11.54
N ARG A 104 8.05 -2.35 12.33
CA ARG A 104 8.06 -3.82 12.48
C ARG A 104 6.66 -4.35 12.17
N ALA A 105 6.55 -5.19 11.15
CA ALA A 105 5.25 -5.67 10.73
C ALA A 105 5.26 -7.14 11.10
N ILE A 106 4.21 -7.55 11.80
CA ILE A 106 4.10 -8.87 12.32
C ILE A 106 2.92 -9.57 11.65
N CYS A 107 3.17 -10.80 11.20
CA CYS A 107 2.13 -11.61 10.54
C CYS A 107 2.23 -13.04 11.18
N HIS A 108 1.09 -13.66 11.51
CA HIS A 108 1.05 -15.09 11.95
C HIS A 108 0.61 -16.07 10.85
N ALA A 109 1.07 -17.31 10.94
CA ALA A 109 0.70 -18.37 10.02
C ALA A 109 -0.80 -18.57 10.16
N PRO A 110 -1.54 -18.78 9.04
CA PRO A 110 -2.96 -19.17 9.16
C PRO A 110 -3.03 -20.53 9.90
N ASP A 111 -4.20 -20.86 10.45
CA ASP A 111 -4.44 -22.24 11.05
C ASP A 111 -3.95 -23.41 10.22
N GLU A 112 -3.48 -24.46 10.90
CA GLU A 112 -3.01 -25.68 10.27
C GLU A 112 -4.13 -26.27 9.36
N GLU A 113 -5.39 -26.16 9.80
CA GLU A 113 -6.57 -26.62 9.00
C GLU A 113 -6.75 -25.81 7.68
N GLU A 114 -6.70 -24.51 7.86
CA GLU A 114 -6.68 -23.54 6.77
C GLU A 114 -5.60 -23.78 5.74
N LEU A 115 -4.37 -23.99 6.22
CA LEU A 115 -3.25 -24.28 5.34
C LEU A 115 -3.49 -25.59 4.56
N ALA A 116 -3.94 -26.61 5.26
CA ALA A 116 -4.22 -27.92 4.65
C ALA A 116 -5.28 -27.82 3.53
N ASN A 117 -6.37 -27.13 3.81
CA ASN A 117 -7.40 -26.92 2.80
C ASN A 117 -6.93 -26.08 1.64
N PHE A 118 -6.11 -25.08 1.92
CA PHE A 118 -5.55 -24.23 0.88
C PHE A 118 -4.62 -25.04 -0.08
N PHE A 119 -3.68 -25.82 0.45
CA PHE A 119 -2.77 -26.66 -0.41
C PHE A 119 -3.55 -27.79 -1.17
N ASP A 120 -4.56 -28.35 -0.49
CA ASP A 120 -5.41 -29.33 -1.15
C ASP A 120 -6.21 -28.70 -2.30
N HIS A 121 -6.75 -27.51 -2.09
CA HIS A 121 -7.52 -26.87 -3.11
C HIS A 121 -6.59 -26.53 -4.30
N PHE A 122 -5.36 -26.10 -4.00
CA PHE A 122 -4.39 -25.75 -5.04
C PHE A 122 -4.04 -27.00 -5.89
N GLU A 123 -3.80 -28.10 -5.19
CA GLU A 123 -3.43 -29.38 -5.79
C GLU A 123 -4.54 -29.81 -6.76
N ARG A 124 -5.76 -29.97 -6.25
CA ARG A 124 -6.92 -30.30 -7.09
C ARG A 124 -7.25 -29.28 -8.20
N LYS A 125 -7.21 -27.98 -7.91
CA LYS A 125 -7.71 -27.00 -8.88
C LYS A 125 -6.65 -26.15 -9.61
N GLY A 126 -5.39 -26.20 -9.19
CA GLY A 126 -4.37 -25.28 -9.72
C GLY A 126 -4.44 -23.81 -9.29
N LYS A 127 -5.32 -23.50 -8.33
CA LYS A 127 -5.45 -22.18 -7.75
C LYS A 127 -6.04 -22.30 -6.34
N ALA A 128 -5.73 -21.35 -5.46
CA ALA A 128 -6.31 -21.36 -4.11
C ALA A 128 -6.07 -19.94 -3.56
N ARG A 129 -6.90 -19.57 -2.59
CA ARG A 129 -6.86 -18.24 -1.99
C ARG A 129 -6.74 -18.37 -0.49
N ILE A 130 -6.05 -17.42 0.15
CA ILE A 130 -6.00 -17.42 1.60
C ILE A 130 -5.92 -15.98 2.12
N SER A 131 -6.42 -15.72 3.32
CA SER A 131 -6.32 -14.32 3.88
C SER A 131 -5.49 -14.32 5.18
N LEU A 132 -4.80 -13.23 5.48
CA LEU A 132 -4.03 -13.16 6.72
C LEU A 132 -4.13 -11.78 7.24
N GLU A 133 -3.74 -11.59 8.49
CA GLU A 133 -3.65 -10.25 9.08
C GLU A 133 -2.23 -9.89 9.44
N ALA A 134 -1.95 -8.60 9.47
CA ALA A 134 -0.67 -8.11 9.97
C ALA A 134 -0.96 -6.88 10.85
N ALA A 135 -0.03 -6.60 11.77
CA ALA A 135 -0.14 -5.39 12.55
C ALA A 135 1.26 -4.77 12.69
N ILE A 136 1.27 -3.47 12.86
CA ILE A 136 2.52 -2.75 13.08
C ILE A 136 2.36 -1.96 14.39
N TYR A 137 3.39 -2.06 15.23
CA TYR A 137 3.43 -1.47 16.55
C TYR A 137 4.62 -0.49 16.65
N ASN A 138 4.55 0.42 17.60
CA ASN A 138 5.73 1.20 17.99
C ASN A 138 6.62 0.44 18.98
N ASP A 139 5.98 -0.31 19.86
CA ASP A 139 6.65 -1.04 20.92
C ASP A 139 7.71 -2.06 20.36
N ALA A 140 8.94 -1.88 20.82
CA ALA A 140 10.10 -2.72 20.48
C ALA A 140 10.00 -4.19 20.93
N CYS A 141 9.34 -4.46 22.06
CA CYS A 141 9.23 -5.80 22.62
C CYS A 141 8.21 -6.67 22.00
N VAL A 142 7.27 -6.10 21.24
CA VAL A 142 6.14 -6.91 20.75
C VAL A 142 6.65 -7.97 19.74
N LYS A 144 4.28 -10.70 18.81
CA LYS A 144 3.10 -11.30 18.22
C LYS A 144 1.92 -10.34 18.18
N ILE A 145 0.91 -10.68 17.39
CA ILE A 145 -0.29 -9.86 17.42
C ILE A 145 -1.07 -10.17 18.72
N GLU A 146 -1.26 -9.16 19.53
CA GLU A 146 -1.93 -9.42 20.80
C GLU A 146 -2.95 -8.37 21.14
N PRO A 147 -4.05 -8.79 21.82
CA PRO A 147 -5.14 -7.91 22.32
C PRO A 147 -4.61 -6.79 23.21
N GLU A 148 -3.60 -7.11 24.02
CA GLU A 148 -3.09 -6.22 25.12
C GLU A 148 -2.25 -5.02 24.67
N THR A 149 -1.82 -5.01 23.43
CA THR A 149 -1.34 -3.76 22.91
C THR A 149 -1.92 -3.35 21.56
N LYS A 150 -2.93 -2.46 21.56
CA LYS A 150 -3.43 -1.77 20.35
C LYS A 150 -2.33 -1.29 19.37
N PRO A 151 -2.42 -1.74 18.10
CA PRO A 151 -1.42 -1.46 17.08
C PRO A 151 -1.53 -0.06 16.52
N SER A 152 -0.48 0.44 15.88
CA SER A 152 -0.58 1.68 15.19
C SER A 152 -1.31 1.51 13.84
N VAL A 153 -1.13 0.33 13.24
CA VAL A 153 -1.72 -0.01 11.96
C VAL A 153 -2.26 -1.46 11.95
N LYS A 154 -3.41 -1.69 11.32
CA LYS A 154 -3.91 -3.08 11.12
C LYS A 154 -4.13 -3.31 9.64
N PHE A 155 -3.92 -4.53 9.20
CA PHE A 155 -3.93 -4.85 7.79
C PHE A 155 -4.58 -6.23 7.59
N ASN A 156 -5.48 -6.33 6.59
CA ASN A 156 -5.99 -7.64 6.20
C ASN A 156 -5.63 -7.85 4.73
N GLY A 157 -5.07 -9.00 4.35
CA GLY A 157 -4.68 -9.18 2.96
C GLY A 157 -5.22 -10.52 2.47
N GLN A 158 -5.54 -10.63 1.20
CA GLN A 158 -5.94 -11.92 0.61
C GLN A 158 -4.98 -12.17 -0.53
N TYR A 159 -4.59 -13.43 -0.74
CA TYR A 159 -3.52 -13.78 -1.70
C TYR A 159 -4.00 -15.01 -2.47
N ALA A 160 -3.48 -15.15 -3.67
CA ALA A 160 -3.84 -16.33 -4.46
C ALA A 160 -2.54 -17.02 -4.89
N ILE A 161 -2.55 -18.34 -4.92
CA ILE A 161 -1.46 -19.03 -5.55
C ILE A 161 -1.99 -19.70 -6.80
N LEU A 162 -1.14 -19.73 -7.81
CA LEU A 162 -1.52 -20.21 -9.17
C LEU A 162 -0.44 -21.12 -9.72
N LYS A 163 -0.88 -22.24 -10.26
CA LYS A 163 -0.01 -23.19 -11.00
C LYS A 163 0.83 -22.42 -12.02
N ASN A 164 2.11 -22.72 -12.15
CA ASN A 164 2.93 -22.08 -13.21
C ASN A 164 3.40 -23.04 -14.28
N ASN B 2 -2.14 30.75 -1.71
CA ASN B 2 -2.70 32.14 -1.83
C ASN B 2 -2.63 32.59 -3.29
N ALA B 3 -1.40 32.77 -3.76
CA ALA B 3 -1.09 33.05 -5.15
C ALA B 3 -1.02 31.76 -5.97
N SER B 4 -1.44 30.63 -5.35
CA SER B 4 -1.42 29.27 -5.90
C SER B 4 -2.81 28.65 -5.90
N LEU B 5 -3.52 28.82 -7.00
CA LEU B 5 -4.94 28.54 -7.04
C LEU B 5 -5.19 27.79 -8.35
N THR B 6 -4.41 28.07 -9.37
CA THR B 6 -4.56 27.48 -10.70
C THR B 6 -4.13 26.00 -10.68
N PRO B 7 -4.65 25.18 -11.61
CA PRO B 7 -4.20 23.79 -11.59
C PRO B 7 -2.70 23.68 -11.76
N ASP B 8 -2.06 24.46 -12.66
CA ASP B 8 -0.59 24.36 -12.77
C ASP B 8 0.08 24.82 -11.51
N GLN B 9 -0.44 25.89 -10.91
CA GLN B 9 0.23 26.48 -9.74
C GLN B 9 0.15 25.48 -8.59
N VAL B 10 -1.01 24.84 -8.37
CA VAL B 10 -1.11 23.94 -7.22
C VAL B 10 -0.44 22.59 -7.49
N SER B 11 -0.49 22.08 -8.73
CA SER B 11 0.34 20.90 -9.12
C SER B 11 1.79 21.07 -8.76
N LYS B 12 2.35 22.26 -9.02
CA LYS B 12 3.75 22.51 -8.64
C LYS B 12 3.95 22.36 -7.11
N LYS B 13 2.95 22.76 -6.33
CA LYS B 13 3.04 22.66 -4.89
C LYS B 13 3.09 21.18 -4.49
N LEU B 14 2.26 20.36 -5.09
CA LEU B 14 2.17 18.95 -4.75
C LEU B 14 3.47 18.21 -5.16
N LYS B 15 3.91 18.42 -6.42
CA LYS B 15 5.19 17.91 -6.90
C LYS B 15 6.32 18.21 -5.91
N GLN B 16 6.43 19.50 -5.50
CA GLN B 16 7.30 19.92 -4.41
C GLN B 16 7.08 19.22 -3.07
N PHE B 17 5.83 19.02 -2.67
CA PHE B 17 5.55 18.32 -1.45
C PHE B 17 6.12 16.87 -1.50
N PHE B 18 5.85 16.16 -2.60
CA PHE B 18 6.36 14.80 -2.76
C PHE B 18 7.90 14.80 -2.68
N SER B 19 8.54 15.71 -3.44
CA SER B 19 9.98 15.76 -3.58
C SER B 19 10.62 16.14 -2.22
N ASP B 20 10.09 17.16 -1.53
CA ASP B 20 10.52 17.53 -0.15
C ASP B 20 10.29 16.51 0.99
N HIS B 21 9.19 15.78 0.97
CA HIS B 21 8.76 15.08 2.17
C HIS B 21 8.57 13.58 2.06
N LEU B 22 8.47 13.03 0.84
CA LEU B 22 8.07 11.60 0.70
C LEU B 22 9.10 10.86 -0.15
N PRO B 23 10.24 10.44 0.47
CA PRO B 23 11.34 9.82 -0.31
C PRO B 23 10.85 8.62 -1.15
N ILE B 24 9.87 7.88 -0.63
CA ILE B 24 9.35 6.78 -1.43
C ILE B 24 8.75 7.19 -2.79
N SER B 25 8.08 8.34 -2.85
CA SER B 25 7.47 8.77 -4.09
C SER B 25 8.58 9.08 -5.11
N GLN B 26 9.76 9.47 -4.62
CA GLN B 26 10.90 9.78 -5.46
C GLN B 26 11.54 8.48 -5.94
N PHE B 27 11.70 7.48 -5.05
CA PHE B 27 12.20 6.19 -5.55
C PHE B 27 11.27 5.62 -6.66
N GLY B 29 9.48 7.16 -8.79
CA GLY B 29 9.37 8.01 -9.99
C GLY B 29 7.96 8.52 -10.22
N LEU B 30 7.24 8.71 -9.11
CA LEU B 30 5.85 9.14 -9.12
C LEU B 30 5.81 10.58 -9.50
N GLU B 31 5.02 10.90 -10.53
CA GLU B 31 4.93 12.25 -11.03
C GLU B 31 3.46 12.54 -11.27
N ILE B 32 3.17 13.83 -11.37
CA ILE B 32 1.87 14.25 -11.78
C ILE B 32 1.82 14.22 -13.31
N GLU B 33 0.95 13.43 -13.87
CA GLU B 33 0.74 13.46 -15.31
C GLU B 33 -0.21 14.61 -15.70
N SER B 34 -1.33 14.79 -15.01
CA SER B 34 -2.21 15.91 -15.32
C SER B 34 -3.11 16.22 -14.13
N TYR B 35 -3.54 17.47 -14.01
CA TYR B 35 -4.53 17.88 -13.03
C TYR B 35 -5.27 19.04 -13.68
N ASP B 36 -6.58 18.96 -13.75
CA ASP B 36 -7.33 20.05 -14.41
C ASP B 36 -8.35 20.61 -13.44
N GLY B 37 -8.19 20.37 -12.15
CA GLY B 37 -9.15 20.85 -11.19
C GLY B 37 -10.20 19.81 -10.86
N ASP B 38 -10.46 18.87 -11.78
CA ASP B 38 -11.48 17.79 -11.56
C ASP B 38 -10.86 16.40 -11.42
N THR B 39 -9.79 16.13 -12.16
CA THR B 39 -9.19 14.79 -12.19
C THR B 39 -7.69 14.92 -11.99
N LEU B 40 -7.13 14.21 -11.03
CA LEU B 40 -5.68 14.06 -10.86
C LEU B 40 -5.21 12.71 -11.42
N ILE B 41 -4.15 12.70 -12.23
CA ILE B 41 -3.58 11.42 -12.70
C ILE B 41 -2.12 11.41 -12.25
N LEU B 42 -1.73 10.41 -11.43
CA LEU B 42 -0.30 10.23 -11.16
C LEU B 42 0.26 9.09 -12.00
N THR B 43 1.53 9.17 -12.38
CA THR B 43 2.19 8.10 -13.13
C THR B 43 3.51 7.72 -12.51
N ALA B 44 3.91 6.48 -12.74
CA ALA B 44 5.20 6.06 -12.27
C ALA B 44 5.69 5.01 -13.27
N PRO B 45 7.00 5.00 -13.56
CA PRO B 45 7.59 3.91 -14.39
C PRO B 45 7.50 2.55 -13.71
N LEU B 46 7.52 1.48 -14.50
CA LEU B 46 7.28 0.18 -13.91
C LEU B 46 8.53 -0.34 -13.21
N GLU B 47 9.69 0.00 -13.77
CA GLU B 47 10.93 -0.67 -13.40
C GLU B 47 11.24 -0.65 -11.90
N PRO B 48 11.18 0.52 -11.25
CA PRO B 48 11.47 0.42 -9.80
C PRO B 48 10.32 -0.20 -8.99
N ASN B 49 9.14 -0.25 -9.62
CA ASN B 49 7.90 -0.74 -9.03
C ASN B 49 7.58 -2.17 -9.38
N ILE B 50 8.58 -2.87 -9.86
CA ILE B 50 8.34 -4.20 -10.43
C ILE B 50 8.47 -5.31 -9.35
N ASN B 51 7.95 -6.49 -9.67
CA ASN B 51 8.11 -7.71 -8.86
C ASN B 51 8.72 -8.86 -9.70
N ASP B 52 8.65 -10.09 -9.18
CA ASP B 52 9.24 -11.27 -9.83
C ASP B 52 8.54 -11.72 -11.10
N LYS B 53 7.32 -11.28 -11.30
CA LYS B 53 6.54 -11.78 -12.44
C LYS B 53 6.62 -10.75 -13.49
N GLN B 54 7.54 -9.79 -13.31
CA GLN B 54 7.66 -8.62 -14.15
C GLN B 54 6.40 -7.75 -14.31
N THR B 55 5.52 -7.78 -13.30
CA THR B 55 4.37 -6.89 -13.25
C THR B 55 4.54 -5.94 -12.05
N ALA B 56 3.55 -5.07 -11.83
CA ALA B 56 3.68 -4.03 -10.82
C ALA B 56 3.52 -4.65 -9.47
N PHE B 57 4.52 -4.47 -8.60
CA PHE B 57 4.36 -4.81 -7.18
C PHE B 57 3.05 -4.21 -6.63
N GLY B 58 2.26 -5.01 -5.91
CA GLY B 58 0.97 -4.57 -5.40
C GLY B 58 1.10 -3.35 -4.48
N GLY B 59 2.22 -3.22 -3.78
CA GLY B 59 2.40 -2.13 -2.80
C GLY B 59 2.62 -0.79 -3.51
N SER B 60 3.27 -0.86 -4.68
CA SER B 60 3.45 0.31 -5.53
C SER B 60 2.15 0.75 -6.17
N LEU B 61 1.28 -0.21 -6.55
CA LEU B 61 -0.05 0.13 -7.06
C LEU B 61 -0.82 0.84 -5.94
N TYR B 62 -0.72 0.33 -4.72
CA TYR B 62 -1.37 0.96 -3.57
C TYR B 62 -0.80 2.35 -3.33
N ASN B 63 0.53 2.47 -3.37
CA ASN B 63 1.12 3.78 -3.12
C ASN B 63 0.68 4.79 -4.14
N ALA B 64 0.62 4.41 -5.40
CA ALA B 64 0.18 5.37 -6.46
C ALA B 64 -1.23 5.82 -6.19
N ALA B 65 -2.10 4.84 -5.86
CA ALA B 65 -3.51 5.18 -5.60
C ALA B 65 -3.66 6.00 -4.34
N VAL B 66 -2.99 5.60 -3.26
CA VAL B 66 -3.16 6.31 -2.01
C VAL B 66 -2.62 7.78 -2.12
N ALA B 68 -2.53 9.46 -5.06
CA ALA B 68 -3.42 10.15 -5.97
C ALA B 68 -4.57 10.78 -5.13
N CYS B 69 -5.16 10.00 -4.25
CA CYS B 69 -6.27 10.53 -3.43
C CYS B 69 -5.75 11.53 -2.38
N TRP B 70 -4.63 11.24 -1.74
CA TRP B 70 -4.01 12.17 -0.79
C TRP B 70 -3.73 13.49 -1.59
N GLY B 71 -3.14 13.32 -2.78
CA GLY B 71 -2.78 14.41 -3.67
C GLY B 71 -3.99 15.30 -3.95
N VAL B 73 -6.75 15.57 -2.15
CA VAL B 73 -7.09 16.34 -0.92
C VAL B 73 -6.14 17.56 -0.70
N TYR B 74 -4.85 17.34 -0.87
CA TYR B 74 -3.87 18.39 -0.76
C TYR B 74 -4.15 19.54 -1.74
N LEU B 75 -4.45 19.20 -3.00
CA LEU B 75 -4.68 20.22 -4.03
C LEU B 75 -5.89 21.02 -3.65
N LYS B 76 -6.92 20.32 -3.13
CA LYS B 76 -8.13 21.05 -2.67
C LYS B 76 -7.86 21.99 -1.50
N THR B 77 -7.06 21.53 -0.54
CA THR B 77 -6.73 22.40 0.62
C THR B 77 -5.96 23.62 0.16
N GLN B 78 -5.08 23.44 -0.83
CA GLN B 78 -4.28 24.56 -1.39
C GLN B 78 -5.13 25.58 -2.13
N GLU B 79 -6.09 25.09 -2.93
CA GLU B 79 -6.99 25.95 -3.68
C GLU B 79 -7.86 26.75 -2.71
N GLU B 80 -8.20 26.14 -1.57
CA GLU B 80 -8.99 26.76 -0.53
C GLU B 80 -8.15 27.61 0.45
N ASN B 81 -6.82 27.64 0.26
CA ASN B 81 -5.84 28.33 1.13
C ASN B 81 -5.99 28.02 2.63
N ILE B 82 -6.26 26.75 2.90
CA ILE B 82 -6.41 26.18 4.24
C ILE B 82 -5.05 25.61 4.69
N ALA B 83 -4.56 26.04 5.86
CA ALA B 83 -3.34 25.47 6.47
C ALA B 83 -3.73 24.30 7.38
N CYS B 84 -3.13 23.13 7.19
CA CYS B 84 -3.53 21.95 7.98
C CYS B 84 -2.58 20.80 7.89
N ASN B 85 -2.79 19.82 8.75
CA ASN B 85 -2.14 18.55 8.60
C ASN B 85 -3.10 17.63 7.90
N GLN B 86 -2.59 16.90 6.94
CA GLN B 86 -3.41 15.90 6.27
C GLN B 86 -2.93 14.49 6.61
N VAL B 87 -3.86 13.59 6.92
CA VAL B 87 -3.52 12.16 7.17
C VAL B 87 -4.42 11.17 6.39
N VAL B 88 -3.92 9.97 6.06
CA VAL B 88 -4.81 8.91 5.55
C VAL B 88 -5.27 8.21 6.79
N THR B 89 -6.53 7.83 6.89
CA THR B 89 -6.96 7.09 8.08
C THR B 89 -7.32 5.66 7.67
N GLU B 90 -7.63 5.46 6.37
CA GLU B 90 -7.76 4.13 5.86
C GLU B 90 -7.50 4.05 4.37
N GLY B 91 -7.09 2.88 3.91
CA GLY B 91 -6.92 2.68 2.43
C GLY B 91 -7.17 1.21 2.11
N ASN B 92 -8.00 0.96 1.09
CA ASN B 92 -8.45 -0.38 0.74
C ASN B 92 -8.19 -0.61 -0.76
N LYS B 94 -8.50 -3.41 -4.04
CA LYS B 94 -8.71 -4.72 -4.68
C LYS B 94 -7.92 -4.83 -5.96
N TYR B 95 -7.21 -5.95 -6.11
CA TYR B 95 -6.36 -6.15 -7.26
C TYR B 95 -7.10 -7.17 -8.11
N ILE B 96 -7.59 -6.70 -9.26
CA ILE B 96 -8.43 -7.49 -10.15
C ILE B 96 -7.60 -8.13 -11.25
N ALA B 97 -6.57 -7.44 -11.73
CA ALA B 97 -5.73 -7.93 -12.85
C ALA B 97 -4.31 -7.34 -12.76
N PRO B 98 -3.32 -8.01 -13.40
CA PRO B 98 -2.01 -7.44 -13.17
C PRO B 98 -1.84 -6.16 -13.98
N VAL B 99 -0.93 -5.32 -13.55
CA VAL B 99 -0.52 -4.10 -14.29
C VAL B 99 0.87 -4.40 -14.81
N TYR B 100 1.11 -4.25 -16.09
N TYR B 100 1.00 -4.25 -16.12
CA TYR B 100 2.45 -4.65 -16.56
CA TYR B 100 2.11 -4.79 -16.89
C TYR B 100 3.11 -3.60 -17.41
C TYR B 100 2.99 -3.66 -17.49
N GLY B 101 2.60 -2.39 -17.30
CA GLY B 101 3.26 -1.26 -17.89
C GLY B 101 3.37 -0.17 -16.86
N ARG B 102 3.59 1.03 -17.37
CA ARG B 102 3.56 2.27 -16.61
C ARG B 102 2.30 2.31 -15.76
N ILE B 103 2.46 2.69 -14.49
CA ILE B 103 1.33 2.81 -13.58
C ILE B 103 0.70 4.20 -13.69
N ARG B 104 -0.61 4.26 -13.86
CA ARG B 104 -1.30 5.53 -13.99
C ARG B 104 -2.49 5.41 -13.08
N ALA B 105 -2.51 6.23 -12.05
CA ALA B 105 -3.56 6.15 -11.04
C ALA B 105 -4.43 7.39 -11.24
N ILE B 106 -5.73 7.19 -11.35
CA ILE B 106 -6.64 8.27 -11.70
C ILE B 106 -7.57 8.50 -10.51
N CYS B 107 -7.65 9.74 -10.03
CA CYS B 107 -8.56 10.12 -8.95
C CYS B 107 -9.43 11.30 -9.44
N HIS B 108 -10.77 11.18 -9.36
CA HIS B 108 -11.70 12.31 -9.55
C HIS B 108 -12.06 13.04 -8.24
N ALA B 109 -12.14 14.36 -8.32
CA ALA B 109 -12.54 15.20 -7.16
C ALA B 109 -13.95 14.79 -6.68
N PRO B 110 -14.20 14.82 -5.36
CA PRO B 110 -15.56 14.70 -4.84
C PRO B 110 -16.35 15.93 -5.31
N ASP B 111 -17.68 15.90 -5.35
CA ASP B 111 -18.45 17.07 -5.86
C ASP B 111 -18.27 18.29 -4.98
N GLU B 112 -18.70 19.43 -5.52
CA GLU B 112 -18.53 20.68 -4.81
C GLU B 112 -19.29 20.69 -3.47
N GLU B 113 -20.45 20.03 -3.42
CA GLU B 113 -21.25 20.05 -2.18
C GLU B 113 -20.51 19.37 -1.04
N GLU B 114 -19.96 18.19 -1.35
CA GLU B 114 -19.18 17.43 -0.42
C GLU B 114 -17.95 18.20 0.05
N LEU B 115 -17.23 18.77 -0.92
CA LEU B 115 -16.05 19.55 -0.61
C LEU B 115 -16.45 20.72 0.27
N ALA B 116 -17.54 21.39 -0.08
CA ALA B 116 -18.05 22.51 0.74
C ALA B 116 -18.41 22.09 2.19
N ASN B 117 -19.10 20.95 2.33
CA ASN B 117 -19.43 20.37 3.64
C ASN B 117 -18.19 20.05 4.46
N PHE B 118 -17.20 19.51 3.76
CA PHE B 118 -15.94 19.05 4.32
C PHE B 118 -15.13 20.27 4.82
N PHE B 119 -15.00 21.29 3.99
CA PHE B 119 -14.30 22.50 4.44
C PHE B 119 -15.12 23.23 5.50
N ASP B 120 -16.43 23.11 5.41
CA ASP B 120 -17.29 23.68 6.45
C ASP B 120 -17.00 22.98 7.79
N HIS B 121 -16.99 21.65 7.79
CA HIS B 121 -16.72 20.90 9.01
C HIS B 121 -15.38 21.23 9.67
N PHE B 122 -14.34 21.37 8.85
CA PHE B 122 -13.00 21.73 9.33
C PHE B 122 -12.99 23.12 10.00
N GLU B 123 -13.70 24.07 9.39
CA GLU B 123 -13.89 25.42 9.97
C GLU B 123 -14.52 25.34 11.35
N ARG B 124 -15.67 24.63 11.45
CA ARG B 124 -16.40 24.48 12.73
C ARG B 124 -15.62 23.69 13.79
N LYS B 125 -15.11 22.50 13.44
CA LYS B 125 -14.52 21.63 14.48
C LYS B 125 -12.99 21.56 14.50
N GLY B 126 -12.32 22.09 13.47
CA GLY B 126 -10.86 21.94 13.35
C GLY B 126 -10.41 20.54 12.92
N LYS B 127 -11.38 19.64 12.68
CA LYS B 127 -11.16 18.28 12.14
C LYS B 127 -12.18 18.07 11.04
N ALA B 128 -11.83 17.34 9.97
CA ALA B 128 -12.80 16.95 8.94
C ALA B 128 -12.26 15.72 8.21
N ARG B 129 -13.17 14.86 7.75
CA ARG B 129 -12.83 13.62 7.03
C ARG B 129 -13.53 13.54 5.69
N ILE B 130 -12.90 12.87 4.74
CA ILE B 130 -13.49 12.71 3.42
C ILE B 130 -13.02 11.39 2.80
N SER B 131 -13.89 10.72 2.07
CA SER B 131 -13.55 9.52 1.32
C SER B 131 -13.33 9.75 -0.19
N LEU B 132 -12.34 9.09 -0.75
CA LEU B 132 -12.01 9.17 -2.18
C LEU B 132 -11.71 7.79 -2.77
N GLU B 133 -11.73 7.72 -4.10
CA GLU B 133 -11.51 6.50 -4.86
C GLU B 133 -10.52 6.82 -5.95
N ALA B 134 -9.76 5.80 -6.34
CA ALA B 134 -8.83 5.92 -7.43
C ALA B 134 -8.89 4.65 -8.24
N ALA B 135 -8.50 4.70 -9.52
CA ALA B 135 -8.42 3.46 -10.31
C ALA B 135 -7.15 3.38 -11.10
N ILE B 136 -6.69 2.18 -11.38
CA ILE B 136 -5.56 1.95 -12.28
C ILE B 136 -5.96 0.93 -13.38
N TYR B 137 -5.67 1.23 -14.64
CA TYR B 137 -6.07 0.40 -15.76
C TYR B 137 -4.84 -0.10 -16.42
N ASN B 138 -4.91 -1.28 -16.98
CA ASN B 138 -3.82 -1.71 -17.76
C ASN B 138 -3.97 -1.63 -19.29
N ASP B 139 -5.14 -2.00 -19.83
CA ASP B 139 -5.31 -2.25 -21.29
C ASP B 139 -5.51 -0.98 -22.04
N ALA B 140 -5.89 0.06 -21.33
CA ALA B 140 -6.35 1.24 -21.98
C ALA B 140 -5.60 2.44 -21.44
N CYS B 141 -5.37 3.36 -22.35
CA CYS B 141 -4.90 4.66 -22.01
C CYS B 141 -6.08 5.58 -21.57
N VAL B 142 -6.58 5.35 -20.37
CA VAL B 142 -7.79 5.97 -19.87
C VAL B 142 -7.52 7.39 -19.33
N LYS B 144 -10.23 9.01 -17.57
CA LYS B 144 -11.31 9.15 -16.56
C LYS B 144 -11.70 7.74 -16.05
N ILE B 145 -12.12 7.61 -14.78
CA ILE B 145 -12.72 6.36 -14.24
C ILE B 145 -14.11 6.18 -14.88
N GLU B 146 -14.20 5.36 -15.93
CA GLU B 146 -15.44 5.22 -16.69
C GLU B 146 -16.24 4.05 -16.11
N PRO B 147 -17.57 4.20 -16.07
CA PRO B 147 -18.63 3.23 -15.79
C PRO B 147 -18.46 2.01 -16.71
N GLU B 148 -18.15 2.25 -18.00
CA GLU B 148 -17.85 1.17 -18.97
C GLU B 148 -16.63 0.32 -18.53
N THR B 149 -15.42 0.85 -18.70
CA THR B 149 -14.14 0.10 -18.49
C THR B 149 -13.91 -0.53 -17.10
N LYS B 150 -13.52 -1.80 -17.07
CA LYS B 150 -13.19 -2.49 -15.81
C LYS B 150 -11.73 -2.15 -15.42
N PRO B 151 -11.51 -1.65 -14.19
CA PRO B 151 -10.12 -1.38 -13.78
C PRO B 151 -9.34 -2.64 -13.43
N SER B 152 -8.02 -2.54 -13.50
CA SER B 152 -7.11 -3.52 -13.00
C SER B 152 -7.02 -3.51 -11.47
N VAL B 153 -7.16 -2.33 -10.86
CA VAL B 153 -7.04 -2.17 -9.40
C VAL B 153 -8.07 -1.11 -9.02
N LYS B 154 -8.79 -1.32 -7.89
CA LYS B 154 -9.66 -0.26 -7.35
C LYS B 154 -9.17 0.09 -5.96
N PHE B 155 -9.16 1.37 -5.63
CA PHE B 155 -8.78 1.84 -4.30
C PHE B 155 -9.89 2.71 -3.74
N ASN B 156 -10.12 2.60 -2.45
CA ASN B 156 -10.99 3.55 -1.78
C ASN B 156 -10.32 3.84 -0.44
N GLY B 157 -10.28 5.11 -0.09
CA GLY B 157 -9.55 5.52 1.06
C GLY B 157 -10.30 6.59 1.84
N GLN B 158 -9.91 6.81 3.08
CA GLN B 158 -10.45 7.92 3.83
C GLN B 158 -9.26 8.74 4.28
N TYR B 159 -9.44 10.05 4.35
CA TYR B 159 -8.39 11.03 4.60
C TYR B 159 -8.94 12.05 5.60
N ALA B 160 -8.10 12.55 6.49
CA ALA B 160 -8.58 13.55 7.44
C ALA B 160 -7.69 14.77 7.36
N ILE B 161 -8.26 15.96 7.56
CA ILE B 161 -7.45 17.18 7.73
C ILE B 161 -7.63 17.73 9.15
N LEU B 162 -6.53 18.17 9.75
CA LEU B 162 -6.51 18.53 11.16
C LEU B 162 -5.83 19.90 11.35
N LYS B 163 -6.39 20.68 12.28
CA LYS B 163 -5.91 22.03 12.63
C LYS B 163 -4.44 22.03 13.06
N ASN B 164 -3.70 23.04 12.61
CA ASN B 164 -2.36 23.35 13.13
C ASN B 164 -2.44 23.87 14.56
#